data_5NMO
#
_entry.id   5NMO
#
_cell.length_a   78.036
_cell.length_b   83.865
_cell.length_c   64.834
_cell.angle_alpha   90.000
_cell.angle_beta   90.000
_cell.angle_gamma   90.000
#
_symmetry.space_group_name_H-M   'P 21 21 2'
#
loop_
_entity.id
_entity.type
_entity.pdbx_description
1 polymer 'Chromosome partition protein Smc,Chromosome partition protein Smc'
2 non-polymer 'SULFATE ION'
3 non-polymer (4S)-2-METHYL-2,4-PENTANEDIOL
4 non-polymer DI(HYDROXYETHYL)ETHER
5 non-polymer 1,2-ETHANEDIOL
6 water water
#
_entity_poly.entity_id   1
_entity_poly.type   'polypeptide(L)'
_entity_poly.pdbx_seq_one_letter_code
;GSGMLNRVEDILHELEGQVEPLKIQASIAKDYLEKKKELEHVEIALTAYDIEELHGKWSTLKEKVQMAKESGGSGGSTLL
KDEEVKLGRMEVELDNLLQYLREEYSLSFEGAKEKYQLETDPEEARKRVKLIKLAIEELGTVNLGSIDEFERVNERYKFL
SEQKEDL
;
_entity_poly.pdbx_strand_id   A,B
#
loop_
_chem_comp.id
_chem_comp.type
_chem_comp.name
_chem_comp.formula
EDO non-polymer 1,2-ETHANEDIOL 'C2 H6 O2'
MPD non-polymer (4S)-2-METHYL-2,4-PENTANEDIOL 'C6 H14 O2'
PEG non-polymer DI(HYDROXYETHYL)ETHER 'C4 H10 O3'
SO4 non-polymer 'SULFATE ION' 'O4 S -2'
#
# COMPACT_ATOMS: atom_id res chain seq x y z
N GLY A 1 12.58 -53.23 -23.13
CA GLY A 1 11.37 -52.51 -23.47
C GLY A 1 11.62 -51.01 -23.55
N SER A 2 10.69 -50.29 -24.19
CA SER A 2 10.76 -48.83 -24.27
C SER A 2 9.66 -48.22 -23.41
N GLY A 3 9.02 -49.05 -22.60
CA GLY A 3 7.87 -48.64 -21.82
C GLY A 3 8.22 -48.45 -20.36
N MET A 4 7.22 -48.08 -19.57
CA MET A 4 7.40 -47.77 -18.16
C MET A 4 6.67 -48.75 -17.25
N LEU A 5 7.30 -49.13 -16.15
CA LEU A 5 6.69 -50.05 -15.20
C LEU A 5 5.67 -49.36 -14.31
N ASN A 6 5.98 -48.13 -13.92
CA ASN A 6 5.06 -47.35 -13.10
C ASN A 6 3.87 -46.90 -13.92
N ARG A 7 2.68 -47.18 -13.42
CA ARG A 7 1.45 -46.77 -14.10
C ARG A 7 1.11 -45.34 -13.71
N VAL A 8 0.75 -44.54 -14.70
CA VAL A 8 0.40 -43.15 -14.46
C VAL A 8 -0.86 -43.06 -13.59
N GLU A 9 -1.67 -44.12 -13.57
CA GLU A 9 -2.87 -44.14 -12.75
C GLU A 9 -2.59 -43.88 -11.27
N ASP A 10 -1.43 -44.35 -10.81
CA ASP A 10 -1.04 -44.20 -9.42
C ASP A 10 -0.81 -42.73 -9.06
N ILE A 11 -0.01 -42.05 -9.87
CA ILE A 11 0.24 -40.63 -9.62
C ILE A 11 -1.05 -39.82 -9.81
N LEU A 12 -1.84 -40.19 -10.82
CA LEU A 12 -3.12 -39.53 -11.05
C LEU A 12 -4.05 -39.68 -9.85
N HIS A 13 -4.12 -40.87 -9.28
CA HIS A 13 -4.95 -41.08 -8.09
C HIS A 13 -4.41 -40.32 -6.89
N GLU A 14 -3.09 -40.21 -6.82
CA GLU A 14 -2.44 -39.47 -5.75
C GLU A 14 -2.74 -37.98 -5.86
N LEU A 15 -2.82 -37.49 -7.10
CA LEU A 15 -3.08 -36.07 -7.36
C LEU A 15 -4.56 -35.71 -7.33
N GLU A 16 -5.41 -36.58 -7.86
CA GLU A 16 -6.84 -36.28 -7.98
C GLU A 16 -7.43 -35.99 -6.61
N GLY A 17 -6.96 -36.71 -5.61
CA GLY A 17 -7.37 -36.47 -4.24
C GLY A 17 -7.01 -35.06 -3.80
N GLN A 18 -6.00 -34.47 -4.44
CA GLN A 18 -5.49 -33.18 -4.03
C GLN A 18 -6.17 -32.02 -4.74
N VAL A 19 -6.76 -32.29 -5.91
CA VAL A 19 -7.33 -31.23 -6.75
C VAL A 19 -8.46 -30.47 -6.05
N GLU A 20 -9.55 -31.15 -5.74
CA GLU A 20 -10.75 -30.44 -5.26
C GLU A 20 -10.49 -29.66 -3.96
N PRO A 21 -9.80 -30.27 -2.97
CA PRO A 21 -9.51 -29.54 -1.72
C PRO A 21 -8.75 -28.22 -1.93
N LEU A 22 -7.72 -28.25 -2.76
CA LEU A 22 -6.99 -27.02 -3.10
C LEU A 22 -7.88 -26.04 -3.84
N LYS A 23 -8.80 -26.55 -4.65
CA LYS A 23 -9.71 -25.72 -5.43
C LYS A 23 -10.61 -24.92 -4.50
N ILE A 24 -11.04 -25.54 -3.41
CA ILE A 24 -11.90 -24.87 -2.43
C ILE A 24 -11.16 -23.74 -1.73
N GLN A 25 -9.95 -24.04 -1.26
CA GLN A 25 -9.15 -23.04 -0.57
C GLN A 25 -8.80 -21.90 -1.51
N ALA A 26 -8.50 -22.25 -2.76
CA ALA A 26 -8.09 -21.25 -3.76
C ALA A 26 -9.27 -20.35 -4.10
N SER A 27 -10.47 -20.91 -4.15
CA SER A 27 -11.67 -20.15 -4.45
C SER A 27 -11.95 -19.17 -3.32
N ILE A 28 -11.71 -19.63 -2.09
CA ILE A 28 -11.87 -18.77 -0.91
C ILE A 28 -10.82 -17.67 -0.92
N ALA A 29 -9.60 -18.03 -1.30
CA ALA A 29 -8.50 -17.07 -1.32
C ALA A 29 -8.71 -15.98 -2.38
N LYS A 30 -9.23 -16.36 -3.54
CA LYS A 30 -9.51 -15.40 -4.59
C LYS A 30 -10.64 -14.47 -4.19
N ASP A 31 -11.61 -15.01 -3.48
CA ASP A 31 -12.73 -14.22 -2.98
C ASP A 31 -12.20 -13.18 -1.99
N TYR A 32 -11.35 -13.64 -1.08
CA TYR A 32 -10.69 -12.77 -0.13
C TYR A 32 -9.93 -11.65 -0.84
N LEU A 33 -9.14 -12.01 -1.85
CA LEU A 33 -8.34 -11.00 -2.55
C LEU A 33 -9.22 -10.00 -3.30
N GLU A 34 -10.38 -10.45 -3.75
CA GLU A 34 -11.31 -9.55 -4.44
C GLU A 34 -11.89 -8.54 -3.45
N LYS A 35 -12.29 -9.02 -2.27
CA LYS A 35 -12.87 -8.14 -1.27
C LYS A 35 -11.82 -7.19 -0.74
N LYS A 36 -10.60 -7.69 -0.62
CA LYS A 36 -9.47 -6.88 -0.18
C LYS A 36 -9.20 -5.75 -1.15
N LYS A 37 -9.24 -6.07 -2.44
CA LYS A 37 -9.05 -5.07 -3.48
C LYS A 37 -10.11 -3.97 -3.37
N GLU A 38 -11.38 -4.37 -3.21
CA GLU A 38 -12.45 -3.39 -3.08
C GLU A 38 -12.24 -2.54 -1.83
N LEU A 39 -11.90 -3.19 -0.72
CA LEU A 39 -11.65 -2.48 0.53
C LEU A 39 -10.58 -1.40 0.33
N GLU A 40 -9.49 -1.78 -0.31
CA GLU A 40 -8.35 -0.87 -0.50
C GLU A 40 -8.75 0.33 -1.34
N HIS A 41 -9.53 0.10 -2.39
CA HIS A 41 -9.97 1.18 -3.27
C HIS A 41 -10.78 2.23 -2.52
N VAL A 42 -11.68 1.76 -1.66
CA VAL A 42 -12.53 2.67 -0.89
C VAL A 42 -11.69 3.39 0.16
N GLU A 43 -10.78 2.66 0.80
CA GLU A 43 -9.96 3.26 1.84
C GLU A 43 -9.01 4.32 1.28
N ILE A 44 -8.48 4.10 0.09
CA ILE A 44 -7.61 5.10 -0.53
C ILE A 44 -8.41 6.37 -0.85
N ALA A 45 -9.61 6.19 -1.40
CA ALA A 45 -10.49 7.31 -1.75
C ALA A 45 -10.88 8.10 -0.50
N LEU A 46 -11.22 7.39 0.57
CA LEU A 46 -11.57 8.01 1.84
C LEU A 46 -10.40 8.79 2.43
N THR A 47 -9.21 8.20 2.36
CA THR A 47 -8.01 8.82 2.91
C THR A 47 -7.69 10.12 2.18
N ALA A 48 -7.77 10.10 0.85
CA ALA A 48 -7.50 11.29 0.05
C ALA A 48 -8.54 12.37 0.34
N TYR A 49 -9.80 11.94 0.48
CA TYR A 49 -10.87 12.88 0.81
C TYR A 49 -10.62 13.52 2.19
N ASP A 50 -10.33 12.69 3.18
CA ASP A 50 -10.12 13.18 4.54
C ASP A 50 -8.90 14.11 4.64
N ILE A 51 -7.84 13.79 3.90
CA ILE A 51 -6.64 14.64 3.90
C ILE A 51 -6.97 16.03 3.38
N GLU A 52 -7.65 16.10 2.24
CA GLU A 52 -7.95 17.40 1.64
C GLU A 52 -8.92 18.19 2.54
N GLU A 53 -9.94 17.50 3.04
CA GLU A 53 -10.95 18.13 3.90
C GLU A 53 -10.33 18.62 5.21
N LEU A 54 -9.53 17.77 5.83
CA LEU A 54 -8.94 18.10 7.12
C LEU A 54 -7.88 19.21 6.99
N HIS A 55 -7.08 19.15 5.93
CA HIS A 55 -6.10 20.22 5.70
C HIS A 55 -6.80 21.55 5.46
N GLY A 56 -7.95 21.50 4.80
CA GLY A 56 -8.73 22.69 4.53
C GLY A 56 -9.23 23.32 5.81
N LYS A 57 -9.77 22.50 6.71
CA LYS A 57 -10.27 22.98 7.98
C LYS A 57 -9.14 23.52 8.85
N TRP A 58 -8.04 22.76 8.92
CA TRP A 58 -6.88 23.17 9.72
C TRP A 58 -6.27 24.47 9.21
N SER A 59 -6.13 24.57 7.89
CA SER A 59 -5.62 25.78 7.26
C SER A 59 -6.45 27.00 7.63
N THR A 60 -7.77 26.87 7.49
CA THR A 60 -8.71 27.96 7.78
C THR A 60 -8.65 28.39 9.24
N LEU A 61 -8.71 27.43 10.16
CA LEU A 61 -8.66 27.75 11.58
C LEU A 61 -7.33 28.41 11.95
N LYS A 62 -6.24 27.89 11.40
CA LYS A 62 -4.91 28.43 11.70
C LYS A 62 -4.81 29.89 11.26
N GLU A 63 -5.52 30.23 10.18
CA GLU A 63 -5.54 31.59 9.68
C GLU A 63 -6.35 32.51 10.60
N LYS A 64 -7.43 31.96 11.15
CA LYS A 64 -8.30 32.74 12.04
C LYS A 64 -7.63 32.99 13.38
N VAL A 65 -6.94 31.98 13.89
CA VAL A 65 -6.16 32.12 15.12
C VAL A 65 -5.12 33.23 14.96
N GLN A 66 -4.34 33.15 13.88
CA GLN A 66 -3.27 34.11 13.64
C GLN A 66 -3.82 35.51 13.36
N MET A 67 -4.99 35.58 12.74
CA MET A 67 -5.63 36.86 12.46
C MET A 67 -6.14 37.51 13.76
N ALA A 68 -6.59 36.68 14.70
CA ALA A 68 -7.11 37.18 15.96
C ALA A 68 -5.98 37.69 16.85
N LYS A 69 -4.86 36.97 16.84
CA LYS A 69 -3.68 37.37 17.61
C LYS A 69 -3.20 38.75 17.16
N GLU A 70 -3.00 38.91 15.86
CA GLU A 70 -2.54 40.17 15.29
C GLU A 70 -3.46 41.35 15.63
N SER A 71 -4.69 41.04 16.03
CA SER A 71 -5.65 42.07 16.42
C SER A 71 -5.41 42.53 17.85
N SER A 77 -8.51 34.85 25.89
CA SER A 77 -7.26 34.15 26.12
C SER A 77 -7.48 32.65 26.24
N THR A 78 -8.43 32.26 27.09
CA THR A 78 -8.82 30.86 27.22
C THR A 78 -9.45 30.36 25.93
N LEU A 79 -10.30 31.20 25.34
CA LEU A 79 -10.97 30.86 24.09
C LEU A 79 -9.92 30.59 23.01
N LEU A 80 -8.88 31.42 22.99
CA LEU A 80 -7.79 31.29 22.03
C LEU A 80 -7.04 29.98 22.22
N LYS A 81 -6.78 29.64 23.48
CA LYS A 81 -6.06 28.41 23.82
C LYS A 81 -6.83 27.18 23.36
N ASP A 82 -8.15 27.21 23.52
CA ASP A 82 -8.99 26.09 23.12
C ASP A 82 -8.89 25.82 21.62
N GLU A 83 -8.75 26.88 20.83
CA GLU A 83 -8.62 26.74 19.38
C GLU A 83 -7.26 26.15 19.03
N GLU A 84 -6.24 26.50 19.79
CA GLU A 84 -4.90 26.00 19.55
C GLU A 84 -4.80 24.51 19.86
N VAL A 85 -5.49 24.08 20.90
CA VAL A 85 -5.58 22.65 21.23
C VAL A 85 -6.22 21.90 20.06
N LYS A 86 -7.28 22.47 19.51
CA LYS A 86 -7.98 21.84 18.40
C LYS A 86 -7.06 21.78 17.17
N LEU A 87 -6.32 22.85 16.92
CA LEU A 87 -5.36 22.87 15.82
C LEU A 87 -4.36 21.74 15.97
N GLY A 88 -3.87 21.53 17.19
CA GLY A 88 -2.92 20.47 17.45
C GLY A 88 -3.48 19.10 17.13
N ARG A 89 -4.71 18.84 17.53
CA ARG A 89 -5.36 17.55 17.25
C ARG A 89 -5.51 17.32 15.75
N MET A 90 -5.87 18.38 15.02
CA MET A 90 -6.00 18.28 13.57
C MET A 90 -4.66 17.96 12.91
N GLU A 91 -3.59 18.56 13.42
CA GLU A 91 -2.27 18.39 12.85
C GLU A 91 -1.77 16.95 13.01
N VAL A 92 -2.01 16.37 14.17
CA VAL A 92 -1.62 14.99 14.44
C VAL A 92 -2.39 14.05 13.52
N GLU A 93 -3.69 14.29 13.39
CA GLU A 93 -4.54 13.47 12.55
C GLU A 93 -4.15 13.58 11.07
N LEU A 94 -3.83 14.81 10.64
CA LEU A 94 -3.44 15.06 9.25
C LEU A 94 -2.09 14.39 8.94
N ASP A 95 -1.13 14.51 9.85
CA ASP A 95 0.16 13.86 9.66
C ASP A 95 -0.02 12.35 9.57
N ASN A 96 -0.86 11.80 10.44
CA ASN A 96 -1.13 10.36 10.45
C ASN A 96 -1.74 9.88 9.14
N LEU A 97 -2.67 10.64 8.60
CA LEU A 97 -3.33 10.28 7.35
C LEU A 97 -2.34 10.26 6.18
N LEU A 98 -1.50 11.28 6.11
CA LEU A 98 -0.54 11.42 5.02
C LEU A 98 0.51 10.32 5.07
N GLN A 99 1.00 10.03 6.26
CA GLN A 99 2.01 9.00 6.43
C GLN A 99 1.39 7.62 6.22
N TYR A 100 0.11 7.48 6.56
CA TYR A 100 -0.62 6.26 6.29
C TYR A 100 -0.70 5.99 4.79
N LEU A 101 -0.93 7.04 4.01
CA LEU A 101 -1.00 6.94 2.57
C LEU A 101 0.30 6.37 1.98
N ARG A 102 1.43 6.86 2.51
CA ARG A 102 2.74 6.42 2.05
C ARG A 102 3.03 4.98 2.47
N GLU A 103 2.83 4.70 3.75
CA GLU A 103 3.20 3.42 4.31
C GLU A 103 2.33 2.28 3.79
N GLU A 104 1.04 2.55 3.60
CA GLU A 104 0.11 1.49 3.25
C GLU A 104 -0.02 1.30 1.75
N TYR A 105 0.17 2.38 0.98
CA TYR A 105 -0.12 2.34 -0.46
C TYR A 105 1.01 2.86 -1.36
N SER A 106 2.07 3.39 -0.76
CA SER A 106 3.16 4.02 -1.53
C SER A 106 2.59 4.99 -2.57
N LEU A 107 1.57 5.74 -2.17
CA LEU A 107 0.97 6.75 -3.02
C LEU A 107 1.19 8.15 -2.45
N SER A 108 1.40 9.12 -3.35
CA SER A 108 1.32 10.52 -2.95
C SER A 108 -0.15 10.90 -2.89
N PHE A 109 -0.45 12.03 -2.25
CA PHE A 109 -1.81 12.52 -2.24
C PHE A 109 -2.34 12.72 -3.65
N GLU A 110 -1.54 13.34 -4.51
CA GLU A 110 -1.93 13.60 -5.88
C GLU A 110 -2.26 12.28 -6.59
N GLY A 111 -1.42 11.27 -6.39
CA GLY A 111 -1.61 9.98 -7.01
C GLY A 111 -2.86 9.30 -6.54
N ALA A 112 -3.13 9.41 -5.23
CA ALA A 112 -4.30 8.81 -4.63
C ALA A 112 -5.58 9.46 -5.15
N LYS A 113 -5.59 10.79 -5.14
CA LYS A 113 -6.76 11.54 -5.59
C LYS A 113 -7.03 11.29 -7.08
N GLU A 114 -5.96 11.21 -7.86
CA GLU A 114 -6.09 11.06 -9.30
C GLU A 114 -6.78 9.75 -9.68
N LYS A 115 -6.49 8.70 -8.93
CA LYS A 115 -6.93 7.35 -9.28
C LYS A 115 -8.17 6.92 -8.50
N TYR A 116 -8.36 7.49 -7.31
CA TYR A 116 -9.46 7.08 -6.43
C TYR A 116 -10.19 8.27 -5.82
N GLN A 117 -11.40 8.53 -6.29
CA GLN A 117 -12.26 9.54 -5.68
C GLN A 117 -13.58 8.92 -5.27
N LEU A 118 -14.15 9.44 -4.19
CA LEU A 118 -15.42 8.93 -3.67
C LEU A 118 -16.53 9.08 -4.70
N GLU A 119 -17.37 8.06 -4.79
CA GLU A 119 -18.55 8.08 -5.64
C GLU A 119 -19.81 8.08 -4.78
N THR A 120 -19.61 8.26 -3.48
CA THR A 120 -20.70 8.40 -2.52
C THR A 120 -20.27 9.40 -1.46
N ASP A 121 -21.17 9.79 -0.57
CA ASP A 121 -20.77 10.63 0.56
C ASP A 121 -19.84 9.81 1.43
N PRO A 122 -18.93 10.46 2.17
CA PRO A 122 -17.91 9.72 2.92
C PRO A 122 -18.49 8.76 3.95
N GLU A 123 -19.56 9.15 4.63
CA GLU A 123 -20.14 8.29 5.66
C GLU A 123 -20.62 6.98 5.05
N GLU A 124 -21.19 7.05 3.86
CA GLU A 124 -21.60 5.85 3.14
C GLU A 124 -20.39 5.00 2.78
N ALA A 125 -19.29 5.65 2.43
CA ALA A 125 -18.06 4.93 2.14
C ALA A 125 -17.52 4.24 3.39
N ARG A 126 -17.60 4.91 4.53
CA ARG A 126 -17.10 4.35 5.78
C ARG A 126 -17.90 3.12 6.19
N LYS A 127 -19.23 3.19 6.01
CA LYS A 127 -20.10 2.05 6.29
C LYS A 127 -19.74 0.89 5.36
N ARG A 128 -19.44 1.20 4.11
N ARG A 128 -19.44 1.21 4.11
CA ARG A 128 -19.05 0.19 3.14
CA ARG A 128 -19.04 0.24 3.11
C ARG A 128 -17.75 -0.48 3.53
C ARG A 128 -17.75 -0.47 3.54
N VAL A 129 -16.81 0.29 4.08
CA VAL A 129 -15.56 -0.25 4.57
C VAL A 129 -15.84 -1.28 5.67
N LYS A 130 -16.69 -0.92 6.62
CA LYS A 130 -17.04 -1.82 7.72
C LYS A 130 -17.67 -3.11 7.19
N LEU A 131 -18.54 -2.99 6.20
CA LEU A 131 -19.25 -4.15 5.66
C LEU A 131 -18.29 -5.09 4.94
N ILE A 132 -17.33 -4.53 4.22
CA ILE A 132 -16.34 -5.35 3.52
C ILE A 132 -15.43 -6.07 4.52
N LYS A 133 -15.02 -5.36 5.57
CA LYS A 133 -14.20 -5.96 6.62
C LYS A 133 -14.93 -7.13 7.29
N LEU A 134 -16.21 -6.97 7.57
CA LEU A 134 -17.01 -8.04 8.14
C LEU A 134 -17.06 -9.24 7.19
N ALA A 135 -17.27 -8.97 5.90
CA ALA A 135 -17.32 -10.04 4.89
C ALA A 135 -16.00 -10.81 4.83
N ILE A 136 -14.89 -10.08 4.89
CA ILE A 136 -13.57 -10.71 4.90
C ILE A 136 -13.42 -11.57 6.14
N GLU A 137 -13.76 -10.98 7.28
CA GLU A 137 -13.69 -11.66 8.56
C GLU A 137 -14.48 -12.97 8.54
N GLU A 138 -15.62 -12.96 7.84
CA GLU A 138 -16.51 -14.12 7.82
C GLU A 138 -15.99 -15.24 6.92
N LEU A 139 -14.96 -14.95 6.15
CA LEU A 139 -14.30 -15.99 5.34
C LEU A 139 -13.47 -16.91 6.23
N GLY A 140 -13.12 -16.43 7.42
CA GLY A 140 -12.29 -17.19 8.33
C GLY A 140 -10.85 -17.26 7.86
N THR A 141 -10.17 -18.34 8.24
CA THR A 141 -8.77 -18.53 7.86
C THR A 141 -8.64 -18.69 6.35
N VAL A 142 -7.78 -17.88 5.75
CA VAL A 142 -7.53 -17.90 4.31
C VAL A 142 -6.13 -18.41 4.03
N ASN A 143 -6.02 -19.34 3.09
CA ASN A 143 -4.73 -19.86 2.66
C ASN A 143 -4.40 -19.33 1.27
N LEU A 144 -3.67 -18.21 1.23
CA LEU A 144 -3.34 -17.56 -0.03
C LEU A 144 -2.48 -18.45 -0.93
N GLY A 145 -1.60 -19.23 -0.32
CA GLY A 145 -0.71 -20.10 -1.08
C GLY A 145 -1.46 -21.14 -1.89
N SER A 146 -2.70 -21.43 -1.50
CA SER A 146 -3.49 -22.47 -2.15
C SER A 146 -3.78 -22.11 -3.61
N ILE A 147 -3.76 -20.83 -3.93
CA ILE A 147 -4.03 -20.40 -5.30
C ILE A 147 -2.95 -20.91 -6.23
N ASP A 148 -1.69 -20.68 -5.87
CA ASP A 148 -0.55 -21.15 -6.65
C ASP A 148 -0.41 -22.66 -6.57
N GLU A 149 -0.67 -23.22 -5.39
CA GLU A 149 -0.56 -24.66 -5.18
C GLU A 149 -1.60 -25.39 -6.01
N PHE A 150 -2.81 -24.83 -6.05
CA PHE A 150 -3.87 -25.40 -6.87
C PHE A 150 -3.50 -25.38 -8.34
N GLU A 151 -2.88 -24.30 -8.78
CA GLU A 151 -2.53 -24.16 -10.18
C GLU A 151 -1.53 -25.26 -10.57
N ARG A 152 -0.51 -25.43 -9.73
CA ARG A 152 0.52 -26.42 -10.01
C ARG A 152 -0.06 -27.82 -10.06
N VAL A 153 -0.81 -28.19 -9.03
CA VAL A 153 -1.38 -29.53 -8.94
C VAL A 153 -2.36 -29.78 -10.08
N ASN A 154 -3.24 -28.81 -10.33
CA ASN A 154 -4.26 -28.97 -11.35
C ASN A 154 -3.68 -29.10 -12.76
N GLU A 155 -2.71 -28.25 -13.09
CA GLU A 155 -2.09 -28.29 -14.41
C GLU A 155 -1.34 -29.62 -14.61
N ARG A 156 -0.65 -30.07 -13.56
CA ARG A 156 0.06 -31.35 -13.62
C ARG A 156 -0.93 -32.49 -13.83
N TYR A 157 -2.02 -32.48 -13.06
CA TYR A 157 -3.07 -33.49 -13.17
C TYR A 157 -3.67 -33.51 -14.58
N LYS A 158 -3.96 -32.32 -15.11
CA LYS A 158 -4.52 -32.21 -16.46
C LYS A 158 -3.55 -32.73 -17.51
N PHE A 159 -2.27 -32.37 -17.35
CA PHE A 159 -1.23 -32.82 -18.26
C PHE A 159 -1.16 -34.34 -18.35
N LEU A 160 -1.19 -34.98 -17.18
CA LEU A 160 -1.05 -36.42 -17.11
C LEU A 160 -2.34 -37.12 -17.53
N SER A 161 -3.47 -36.51 -17.20
CA SER A 161 -4.78 -37.09 -17.51
C SER A 161 -5.02 -37.15 -19.03
N GLU A 162 -4.86 -36.02 -19.69
CA GLU A 162 -5.22 -35.88 -21.10
C GLU A 162 -4.20 -36.55 -22.02
N GLN A 163 -3.13 -37.08 -21.44
CA GLN A 163 -2.09 -37.76 -22.21
C GLN A 163 -1.69 -39.07 -21.54
N LYS A 164 -2.60 -39.64 -20.75
CA LYS A 164 -2.34 -40.88 -20.04
C LYS A 164 -2.06 -42.03 -21.00
N GLU A 165 -2.62 -41.95 -22.20
CA GLU A 165 -2.44 -42.99 -23.21
C GLU A 165 -0.98 -43.23 -23.56
N ASP A 166 -0.16 -42.18 -23.46
CA ASP A 166 1.26 -42.27 -23.80
C ASP A 166 2.15 -42.13 -22.57
N LEU A 167 1.54 -42.24 -21.39
CA LEU A 167 2.27 -42.17 -20.12
C LEU A 167 2.02 -43.43 -19.29
N VAL B 19 13.07 -33.17 9.54
CA VAL B 19 14.18 -32.39 9.00
C VAL B 19 13.82 -31.74 7.68
N GLU B 20 13.04 -32.44 6.86
CA GLU B 20 12.56 -31.88 5.60
C GLU B 20 11.48 -30.83 5.83
N PRO B 21 10.57 -31.08 6.79
CA PRO B 21 9.59 -30.03 7.13
C PRO B 21 10.29 -28.76 7.62
N LEU B 22 11.54 -28.92 8.07
CA LEU B 22 12.37 -27.80 8.47
C LEU B 22 12.91 -27.05 7.26
N LYS B 23 13.47 -27.80 6.32
CA LYS B 23 14.01 -27.22 5.09
C LYS B 23 12.97 -26.35 4.40
N ILE B 24 11.74 -26.86 4.35
CA ILE B 24 10.61 -26.10 3.82
C ILE B 24 10.45 -24.80 4.61
N GLN B 25 10.39 -24.94 5.93
CA GLN B 25 10.21 -23.80 6.82
C GLN B 25 11.35 -22.79 6.64
N ALA B 26 12.57 -23.29 6.56
CA ALA B 26 13.75 -22.42 6.44
C ALA B 26 13.81 -21.71 5.08
N SER B 27 13.44 -22.44 4.03
CA SER B 27 13.42 -21.86 2.68
C SER B 27 12.37 -20.75 2.58
N ILE B 28 11.23 -20.98 3.23
CA ILE B 28 10.18 -19.96 3.31
C ILE B 28 10.70 -18.72 4.02
N ALA B 29 11.41 -18.92 5.13
CA ALA B 29 11.90 -17.81 5.93
C ALA B 29 12.90 -16.97 5.15
N LYS B 30 13.79 -17.63 4.42
CA LYS B 30 14.80 -16.92 3.64
C LYS B 30 14.15 -16.17 2.48
N ASP B 31 13.13 -16.78 1.86
CA ASP B 31 12.39 -16.13 0.78
C ASP B 31 11.66 -14.89 1.30
N TYR B 32 11.14 -15.00 2.52
CA TYR B 32 10.49 -13.90 3.22
C TYR B 32 11.47 -12.73 3.43
N LEU B 33 12.67 -13.03 3.91
CA LEU B 33 13.69 -12.00 4.13
C LEU B 33 14.07 -11.32 2.80
N GLU B 34 14.19 -12.10 1.74
CA GLU B 34 14.61 -11.55 0.45
C GLU B 34 13.54 -10.60 -0.11
N LYS B 35 12.28 -11.00 0.00
CA LYS B 35 11.19 -10.18 -0.49
C LYS B 35 11.03 -8.88 0.30
N LYS B 36 11.29 -8.93 1.60
CA LYS B 36 11.21 -7.72 2.41
C LYS B 36 12.29 -6.71 2.06
N LYS B 37 13.48 -7.21 1.72
CA LYS B 37 14.54 -6.34 1.22
C LYS B 37 14.12 -5.70 -0.09
N GLU B 38 13.54 -6.53 -0.97
CA GLU B 38 13.05 -6.08 -2.27
C GLU B 38 11.99 -4.99 -2.09
N LEU B 39 11.07 -5.22 -1.16
CA LEU B 39 10.00 -4.28 -0.86
C LEU B 39 10.55 -2.94 -0.35
N GLU B 40 11.46 -3.01 0.61
CA GLU B 40 12.08 -1.81 1.17
C GLU B 40 12.74 -0.95 0.10
N HIS B 41 13.48 -1.59 -0.80
CA HIS B 41 14.24 -0.86 -1.80
C HIS B 41 13.33 -0.04 -2.70
N VAL B 42 12.23 -0.65 -3.14
CA VAL B 42 11.29 0.03 -4.02
C VAL B 42 10.49 1.10 -3.27
N GLU B 43 10.15 0.82 -2.02
CA GLU B 43 9.39 1.77 -1.21
C GLU B 43 10.21 3.03 -0.94
N ILE B 44 11.47 2.88 -0.54
CA ILE B 44 12.30 4.03 -0.25
C ILE B 44 12.69 4.74 -1.53
N ALA B 45 12.99 3.98 -2.58
CA ALA B 45 13.35 4.57 -3.87
C ALA B 45 12.20 5.45 -4.38
N LEU B 46 10.98 4.98 -4.22
CA LEU B 46 9.79 5.72 -4.64
C LEU B 46 9.59 6.98 -3.80
N THR B 47 9.82 6.85 -2.50
CA THR B 47 9.67 7.97 -1.58
C THR B 47 10.62 9.11 -1.97
N ALA B 48 11.89 8.77 -2.22
CA ALA B 48 12.87 9.78 -2.62
C ALA B 48 12.47 10.42 -3.94
N TYR B 49 12.02 9.58 -4.88
CA TYR B 49 11.56 10.07 -6.17
C TYR B 49 10.36 11.01 -6.02
N ASP B 50 9.39 10.59 -5.21
CA ASP B 50 8.16 11.36 -5.01
C ASP B 50 8.42 12.69 -4.30
N ILE B 51 9.33 12.69 -3.33
CA ILE B 51 9.72 13.92 -2.65
C ILE B 51 10.28 14.94 -3.64
N GLU B 52 11.17 14.49 -4.52
CA GLU B 52 11.79 15.41 -5.47
C GLU B 52 10.77 15.91 -6.49
N GLU B 53 9.91 15.02 -6.96
CA GLU B 53 8.87 15.41 -7.91
C GLU B 53 7.87 16.39 -7.28
N LEU B 54 7.49 16.12 -6.03
CA LEU B 54 6.53 16.98 -5.35
C LEU B 54 7.13 18.36 -5.09
N HIS B 55 8.40 18.39 -4.73
CA HIS B 55 9.09 19.64 -4.47
C HIS B 55 9.18 20.49 -5.74
N GLY B 56 9.37 19.82 -6.88
CA GLY B 56 9.41 20.50 -8.16
C GLY B 56 8.06 21.10 -8.55
N LYS B 57 6.99 20.36 -8.29
CA LYS B 57 5.63 20.85 -8.54
C LYS B 57 5.29 22.01 -7.61
N TRP B 58 5.72 21.90 -6.36
CA TRP B 58 5.54 22.97 -5.39
C TRP B 58 6.28 24.23 -5.83
N SER B 59 7.51 24.07 -6.30
CA SER B 59 8.31 25.19 -6.77
C SER B 59 7.67 25.86 -7.99
N THR B 60 7.13 25.03 -8.88
CA THR B 60 6.50 25.54 -10.09
C THR B 60 5.23 26.31 -9.74
N LEU B 61 4.43 25.74 -8.85
CA LEU B 61 3.16 26.36 -8.48
C LEU B 61 3.38 27.64 -7.69
N LYS B 62 4.37 27.63 -6.81
CA LYS B 62 4.66 28.80 -5.98
C LYS B 62 5.04 29.99 -6.86
N GLU B 63 5.81 29.71 -7.89
CA GLU B 63 6.23 30.71 -8.86
C GLU B 63 5.02 31.24 -9.60
N LYS B 64 4.14 30.33 -9.96
CA LYS B 64 2.94 30.66 -10.71
C LYS B 64 1.98 31.50 -9.86
N VAL B 65 1.89 31.19 -8.57
CA VAL B 65 1.08 31.97 -7.65
C VAL B 65 1.59 33.41 -7.57
N GLN B 66 2.91 33.56 -7.50
CA GLN B 66 3.53 34.88 -7.39
C GLN B 66 3.19 35.75 -8.59
N MET B 67 3.34 35.20 -9.79
CA MET B 67 3.10 35.95 -11.02
C MET B 67 1.64 36.40 -11.13
N ALA B 68 0.73 35.61 -10.56
CA ALA B 68 -0.69 35.95 -10.60
C ALA B 68 -0.97 37.18 -9.75
N LYS B 69 -0.26 37.30 -8.63
CA LYS B 69 -0.40 38.45 -7.75
C LYS B 69 0.23 39.71 -8.36
N GLU B 70 1.05 39.48 -9.38
CA GLU B 70 1.74 40.54 -10.09
C GLU B 70 0.92 40.99 -11.28
N SER B 71 0.17 40.04 -11.86
CA SER B 71 -0.67 40.32 -13.02
C SER B 71 -1.65 41.35 -12.61
N GLY B 72 -2.07 41.26 -11.37
CA GLY B 72 -2.99 42.20 -10.81
C GLY B 72 -4.42 41.78 -10.94
N GLY B 73 -5.24 42.35 -10.10
CA GLY B 73 -6.63 42.03 -10.13
C GLY B 73 -6.89 40.64 -9.65
N SER B 74 -5.94 40.00 -8.98
CA SER B 74 -6.24 38.65 -8.53
C SER B 74 -6.89 38.64 -7.15
N GLY B 75 -7.13 39.82 -6.61
CA GLY B 75 -7.67 39.96 -5.27
C GLY B 75 -9.00 39.26 -5.07
N GLY B 76 -9.06 38.41 -4.05
CA GLY B 76 -10.28 37.71 -3.71
C GLY B 76 -10.62 36.59 -4.69
N SER B 77 -9.75 36.35 -5.66
CA SER B 77 -9.97 35.29 -6.64
C SER B 77 -9.98 33.92 -5.97
N THR B 78 -11.06 33.18 -6.16
CA THR B 78 -11.22 31.87 -5.53
C THR B 78 -10.28 30.86 -6.18
N LEU B 79 -9.93 31.10 -7.45
CA LEU B 79 -9.00 30.23 -8.14
C LEU B 79 -7.60 30.38 -7.56
N LEU B 80 -7.22 31.62 -7.25
CA LEU B 80 -5.93 31.87 -6.61
C LEU B 80 -5.93 31.27 -5.21
N LYS B 81 -7.04 31.40 -4.51
CA LYS B 81 -7.12 30.85 -3.15
C LYS B 81 -6.99 29.34 -3.16
N ASP B 82 -7.62 28.68 -4.13
CA ASP B 82 -7.52 27.22 -4.27
C ASP B 82 -6.08 26.78 -4.47
N GLU B 83 -5.32 27.56 -5.23
CA GLU B 83 -3.93 27.21 -5.50
C GLU B 83 -3.05 27.43 -4.26
N GLU B 84 -3.35 28.47 -3.48
CA GLU B 84 -2.60 28.74 -2.26
C GLU B 84 -2.81 27.65 -1.21
N VAL B 85 -4.06 27.18 -1.09
CA VAL B 85 -4.36 26.07 -0.20
C VAL B 85 -3.64 24.81 -0.67
N LYS B 86 -3.66 24.58 -1.98
CA LYS B 86 -2.96 23.45 -2.56
C LYS B 86 -1.46 23.53 -2.28
N LEU B 87 -0.88 24.72 -2.43
CA LEU B 87 0.54 24.94 -2.18
C LEU B 87 0.88 24.59 -0.73
N GLY B 88 0.00 24.96 0.19
CA GLY B 88 0.17 24.64 1.59
C GLY B 88 0.09 23.15 1.87
N ARG B 89 -0.84 22.48 1.20
CA ARG B 89 -1.00 21.04 1.38
C ARG B 89 0.22 20.29 0.85
N MET B 90 0.82 20.81 -0.21
CA MET B 90 2.03 20.21 -0.76
C MET B 90 3.18 20.31 0.26
N GLU B 91 3.26 21.45 0.94
CA GLU B 91 4.27 21.67 1.95
C GLU B 91 4.11 20.70 3.13
N VAL B 92 2.87 20.48 3.55
CA VAL B 92 2.61 19.57 4.65
C VAL B 92 2.94 18.13 4.23
N GLU B 93 2.60 17.77 3.00
CA GLU B 93 2.92 16.43 2.51
C GLU B 93 4.43 16.21 2.43
N LEU B 94 5.16 17.21 1.92
CA LEU B 94 6.62 17.12 1.84
C LEU B 94 7.23 16.91 3.22
N ASP B 95 6.79 17.72 4.18
CA ASP B 95 7.27 17.61 5.56
C ASP B 95 7.04 16.20 6.10
N ASN B 96 5.86 15.65 5.85
CA ASN B 96 5.52 14.33 6.38
C ASN B 96 6.29 13.20 5.68
N LEU B 97 6.64 13.39 4.43
CA LEU B 97 7.46 12.41 3.73
C LEU B 97 8.86 12.38 4.33
N LEU B 98 9.36 13.55 4.71
CA LEU B 98 10.66 13.65 5.37
C LEU B 98 10.60 13.02 6.76
N GLN B 99 9.49 13.22 7.48
CA GLN B 99 9.29 12.56 8.76
C GLN B 99 9.31 11.05 8.62
N TYR B 100 8.61 10.57 7.59
CA TYR B 100 8.50 9.14 7.33
C TYR B 100 9.88 8.51 7.11
N LEU B 101 10.74 9.17 6.33
CA LEU B 101 12.10 8.69 6.12
C LEU B 101 12.88 8.63 7.44
N ARG B 102 12.76 9.66 8.26
CA ARG B 102 13.46 9.70 9.53
C ARG B 102 12.95 8.61 10.48
N GLU B 103 11.63 8.57 10.66
CA GLU B 103 11.02 7.69 11.67
C GLU B 103 11.11 6.21 11.30
N GLU B 104 10.92 5.90 10.01
CA GLU B 104 10.86 4.51 9.60
C GLU B 104 12.23 3.93 9.23
N TYR B 105 13.14 4.77 8.72
CA TYR B 105 14.42 4.27 8.20
C TYR B 105 15.65 5.06 8.67
N SER B 106 15.44 6.05 9.52
CA SER B 106 16.53 6.90 10.01
C SER B 106 17.32 7.49 8.85
N LEU B 107 16.59 7.92 7.83
CA LEU B 107 17.21 8.46 6.61
C LEU B 107 16.89 9.93 6.42
N SER B 108 17.85 10.67 5.87
CA SER B 108 17.57 11.98 5.30
C SER B 108 17.11 11.76 3.86
N PHE B 109 16.63 12.82 3.22
CA PHE B 109 16.26 12.75 1.81
C PHE B 109 17.46 12.34 0.94
N GLU B 110 18.59 13.00 1.11
CA GLU B 110 19.77 12.70 0.31
C GLU B 110 20.25 11.27 0.56
N GLY B 111 20.18 10.82 1.82
CA GLY B 111 20.55 9.46 2.14
C GLY B 111 19.70 8.45 1.38
N ALA B 112 18.38 8.68 1.37
CA ALA B 112 17.46 7.79 0.68
C ALA B 112 17.70 7.81 -0.83
N LYS B 113 17.83 9.01 -1.40
CA LYS B 113 18.05 9.15 -2.83
C LYS B 113 19.34 8.47 -3.28
N GLU B 114 20.40 8.66 -2.51
CA GLU B 114 21.71 8.15 -2.88
C GLU B 114 21.78 6.63 -2.73
N LYS B 115 21.15 6.10 -1.70
CA LYS B 115 21.21 4.66 -1.45
C LYS B 115 20.23 3.88 -2.32
N TYR B 116 19.05 4.46 -2.55
CA TYR B 116 17.97 3.76 -3.23
C TYR B 116 17.51 4.44 -4.50
N GLN B 117 17.95 3.92 -5.64
CA GLN B 117 17.55 4.45 -6.94
C GLN B 117 16.62 3.49 -7.66
N LEU B 118 15.57 4.03 -8.27
CA LEU B 118 14.60 3.22 -9.00
C LEU B 118 15.24 2.49 -10.18
N GLU B 119 14.87 1.23 -10.35
CA GLU B 119 15.35 0.41 -11.45
C GLU B 119 14.41 0.52 -12.65
N THR B 120 13.18 0.97 -12.39
CA THR B 120 12.16 1.11 -13.42
C THR B 120 11.50 2.49 -13.33
N ASP B 121 10.58 2.77 -14.24
CA ASP B 121 9.81 4.00 -14.18
C ASP B 121 8.95 3.95 -12.91
N PRO B 122 8.55 5.13 -12.39
CA PRO B 122 7.88 5.16 -11.09
C PRO B 122 6.58 4.36 -11.03
N GLU B 123 5.76 4.42 -12.07
CA GLU B 123 4.45 3.76 -12.01
C GLU B 123 4.55 2.24 -11.97
N GLU B 124 5.52 1.67 -12.68
CA GLU B 124 5.72 0.23 -12.65
C GLU B 124 6.19 -0.17 -11.25
N ALA B 125 7.04 0.66 -10.65
CA ALA B 125 7.52 0.41 -9.29
C ALA B 125 6.35 0.36 -8.30
N ARG B 126 5.37 1.24 -8.47
CA ARG B 126 4.21 1.28 -7.59
C ARG B 126 3.41 -0.01 -7.68
N LYS B 127 3.24 -0.53 -8.89
CA LYS B 127 2.60 -1.83 -9.08
C LYS B 127 3.41 -2.92 -8.39
N ARG B 128 4.73 -2.80 -8.47
CA ARG B 128 5.62 -3.80 -7.88
C ARG B 128 5.50 -3.85 -6.37
N VAL B 129 5.31 -2.69 -5.74
CA VAL B 129 5.15 -2.64 -4.28
C VAL B 129 4.00 -3.54 -3.83
N LYS B 130 2.85 -3.42 -4.50
CA LYS B 130 1.68 -4.23 -4.11
C LYS B 130 1.93 -5.71 -4.37
N LEU B 131 2.58 -6.02 -5.49
CA LEU B 131 2.87 -7.41 -5.83
C LEU B 131 3.79 -8.07 -4.80
N ILE B 132 4.81 -7.34 -4.35
CA ILE B 132 5.74 -7.91 -3.38
C ILE B 132 5.03 -8.12 -2.05
N LYS B 133 4.20 -7.16 -1.67
CA LYS B 133 3.43 -7.27 -0.44
C LYS B 133 2.52 -8.50 -0.46
N LEU B 134 1.86 -8.74 -1.58
CA LEU B 134 1.01 -9.92 -1.73
C LEU B 134 1.83 -11.21 -1.64
N ALA B 135 2.97 -11.24 -2.31
CA ALA B 135 3.83 -12.42 -2.31
C ALA B 135 4.31 -12.73 -0.90
N ILE B 136 4.59 -11.67 -0.13
CA ILE B 136 4.99 -11.83 1.26
C ILE B 136 3.85 -12.44 2.07
N GLU B 137 2.66 -11.87 1.94
CA GLU B 137 1.48 -12.35 2.65
C GLU B 137 1.17 -13.81 2.29
N GLU B 138 1.45 -14.18 1.05
CA GLU B 138 1.20 -15.55 0.60
C GLU B 138 2.07 -16.58 1.32
N LEU B 139 3.22 -16.14 1.84
CA LEU B 139 4.11 -17.04 2.57
C LEU B 139 3.50 -17.44 3.91
N GLY B 140 2.49 -16.68 4.34
CA GLY B 140 1.80 -16.96 5.59
C GLY B 140 2.64 -16.66 6.81
N THR B 141 2.46 -17.47 7.86
CA THR B 141 3.20 -17.30 9.10
C THR B 141 4.62 -17.81 8.94
N VAL B 142 5.59 -16.92 9.09
CA VAL B 142 6.99 -17.26 8.90
C VAL B 142 7.69 -17.45 10.23
N ASN B 143 8.49 -18.51 10.31
CA ASN B 143 9.32 -18.80 11.47
C ASN B 143 10.79 -18.62 11.11
N LEU B 144 11.35 -17.47 11.47
CA LEU B 144 12.75 -17.17 11.15
C LEU B 144 13.69 -18.14 11.89
N GLY B 145 13.26 -18.63 13.05
CA GLY B 145 14.08 -19.51 13.85
C GLY B 145 14.29 -20.87 13.21
N SER B 146 13.48 -21.21 12.21
CA SER B 146 13.62 -22.47 11.51
C SER B 146 14.93 -22.52 10.72
N ILE B 147 15.46 -21.35 10.38
CA ILE B 147 16.77 -21.25 9.73
C ILE B 147 17.86 -21.71 10.69
N ASP B 148 17.68 -21.39 11.96
CA ASP B 148 18.66 -21.71 12.99
C ASP B 148 18.70 -23.20 13.33
N GLU B 149 17.54 -23.77 13.61
CA GLU B 149 17.48 -25.18 13.99
C GLU B 149 17.67 -26.09 12.78
N PHE B 150 17.64 -25.53 11.58
CA PHE B 150 17.97 -26.29 10.37
C PHE B 150 19.48 -26.35 10.22
N GLU B 151 20.14 -25.20 10.40
CA GLU B 151 21.60 -25.15 10.41
C GLU B 151 22.15 -25.92 11.60
N ARG B 152 21.28 -26.27 12.54
CA ARG B 152 21.67 -27.03 13.73
C ARG B 152 21.69 -28.53 13.45
N VAL B 153 20.76 -29.00 12.61
CA VAL B 153 20.68 -30.42 12.28
C VAL B 153 21.90 -30.86 11.48
N ASN B 154 22.54 -29.90 10.80
CA ASN B 154 23.76 -30.18 10.03
C ASN B 154 25.01 -30.03 10.89
S SO4 C . -6.68 -48.19 -11.54
O1 SO4 C . -6.95 -48.32 -12.97
O2 SO4 C . -5.24 -48.33 -11.31
O3 SO4 C . -7.39 -49.24 -10.82
O4 SO4 C . -7.11 -46.88 -11.07
S SO4 D . -9.18 5.60 6.79
O1 SO4 D . -9.31 4.48 5.86
O2 SO4 D . -7.78 5.77 7.17
O3 SO4 D . -9.67 6.82 6.17
O4 SO4 D . -9.98 5.31 7.98
S SO4 E . -5.22 -2.35 -8.05
O1 SO4 E . -4.46 -3.31 -7.24
O2 SO4 E . -4.29 -1.39 -8.66
O3 SO4 E . -5.95 -3.06 -9.08
O4 SO4 E . -6.15 -1.62 -7.19
S SO4 F . -6.39 -14.15 6.89
O1 SO4 F . -6.83 -15.55 7.00
O2 SO4 F . -5.13 -14.10 6.16
O3 SO4 F . -7.40 -13.37 6.17
O4 SO4 F . -6.20 -13.60 8.23
S SO4 G . -10.72 -21.45 -8.99
O1 SO4 G . -9.85 -22.33 -8.22
O2 SO4 G . -9.92 -20.36 -9.56
O3 SO4 G . -11.35 -22.19 -10.06
O4 SO4 G . -11.74 -20.89 -8.10
S SO4 H . -16.25 4.56 -3.64
O1 SO4 H . -14.79 4.62 -3.83
O2 SO4 H . -16.86 3.95 -4.82
O3 SO4 H . -16.56 3.77 -2.46
O4 SO4 H . -16.77 5.91 -3.47
S SO4 I . -1.78 0.69 -4.74
O1 SO4 I . -0.97 -0.06 -5.69
O2 SO4 I . -1.19 0.59 -3.41
O3 SO4 I . -3.14 0.15 -4.72
O4 SO4 I . -1.82 2.10 -5.15
C1 MPD J . 4.40 20.78 10.82
C2 MPD J . 3.34 20.12 11.70
O2 MPD J . 3.50 18.69 11.60
CM MPD J . 3.50 20.49 13.18
C3 MPD J . 1.94 20.52 11.22
C4 MPD J . 1.60 19.97 9.85
O4 MPD J . 1.92 18.60 9.79
C5 MPD J . 0.13 20.16 9.51
H11 MPD J . 3.91 21.39 10.05
H12 MPD J . 5.01 20.01 10.35
H13 MPD J . 5.04 21.41 11.44
HO2 MPD J . 2.67 18.29 11.25
HM1 MPD J . 2.58 20.95 13.54
HM2 MPD J . 4.32 21.20 13.29
HM3 MPD J . 3.70 19.60 13.76
H31 MPD J . 1.20 20.17 11.95
H32 MPD J . 1.87 21.61 11.20
H4 MPD J . 2.19 20.51 9.11
HO4 MPD J . 1.48 18.19 9.01
H51 MPD J . -0.33 19.19 9.31
H52 MPD J . -0.38 20.62 10.36
H53 MPD J . 0.03 20.80 8.63
C1 PEG K . -21.25 -8.24 6.14
O1 PEG K . -20.79 -7.56 4.98
C2 PEG K . -21.41 -9.75 5.84
O2 PEG K . -22.47 -9.92 4.86
C3 PEG K . -22.03 -10.42 3.59
C4 PEG K . -21.74 -11.91 3.68
O4 PEG K . -21.34 -12.40 2.43
H11 PEG K . -22.10 -7.88 6.42
H12 PEG K . -20.61 -8.12 6.86
HO1 PEG K . -20.82 -6.66 5.13
H21 PEG K . -21.64 -10.21 6.64
H22 PEG K . -20.55 -10.12 5.45
H31 PEG K . -22.71 -10.27 2.96
H32 PEG K . -21.22 -9.94 3.31
H41 PEG K . -21.00 -12.05 4.35
H42 PEG K . -22.55 -12.39 3.99
HO4 PEG K . -21.76 -11.98 1.81
C1 PEG L . -20.49 -9.73 13.94
O1 PEG L . -20.22 -11.00 14.54
C2 PEG L . -20.02 -8.61 14.90
O2 PEG L . -20.51 -7.34 14.42
C3 PEG L . -19.62 -6.21 14.57
C4 PEG L . -19.67 -5.67 15.99
O4 PEG L . -20.52 -6.44 16.81
H11 PEG L . -21.43 -9.65 13.80
H12 PEG L . -20.02 -9.67 13.10
HO1 PEG L . -20.47 -10.99 15.41
H21 PEG L . -19.06 -8.59 14.92
H22 PEG L . -20.37 -8.78 15.82
H31 PEG L . -18.74 -6.49 14.38
H32 PEG L . -19.88 -5.51 13.95
H41 PEG L . -18.74 -5.68 16.40
H42 PEG L . -20.00 -4.73 15.97
HO4 PEG L . -20.36 -6.29 17.64
C1 EDO M . -19.18 14.07 -3.93
O1 EDO M . -19.15 12.71 -4.39
C2 EDO M . -17.77 14.51 -3.55
O2 EDO M . -16.98 13.36 -3.22
H11 EDO M . -19.56 14.72 -4.73
H12 EDO M . -19.84 14.15 -3.07
HO1 EDO M . -20.05 12.44 -4.63
H21 EDO M . -17.31 15.04 -4.38
H22 EDO M . -17.81 15.18 -2.69
HO2 EDO M . -16.08 13.65 -2.97
C1 EDO N . 2.94 6.81 12.81
O1 EDO N . 2.57 8.18 12.64
C2 EDO N . 2.57 6.02 11.55
O2 EDO N . 2.78 4.63 11.78
H11 EDO N . 4.01 6.74 12.99
H12 EDO N . 2.41 6.39 13.67
HO1 EDO N . 2.81 8.68 13.44
H21 EDO N . 1.52 6.21 11.29
H22 EDO N . 3.19 6.37 10.71
HO2 EDO N . 2.55 4.14 10.97
C1 EDO O . -11.62 -11.56 13.21
O1 EDO O . -11.69 -12.98 13.32
C2 EDO O . -10.20 -11.06 13.46
O2 EDO O . -10.23 -9.64 13.65
H11 EDO O . -11.94 -11.24 12.21
H12 EDO O . -12.30 -11.10 13.94
HO1 EDO O . -12.59 -13.27 13.16
H21 EDO O . -9.78 -11.54 14.34
H22 EDO O . -9.57 -11.30 12.60
HO2 EDO O . -9.33 -9.32 13.82
C1 EDO P . -9.10 -5.70 7.23
O1 EDO P . -8.86 -5.47 8.62
C2 EDO P . -9.76 -7.07 7.04
O2 EDO P . -10.98 -7.15 7.80
H11 EDO P . -9.77 -4.93 6.83
H12 EDO P . -8.16 -5.67 6.68
HO1 EDO P . -8.44 -4.59 8.72
H21 EDO P . -9.97 -7.23 5.98
H22 EDO P . -9.07 -7.85 7.37
HO2 EDO P . -11.38 -8.02 7.66
S SO4 Q . -5.59 19.24 -6.89
O1 SO4 Q . -4.27 18.63 -6.72
O2 SO4 Q . -5.56 20.18 -8.01
O3 SO4 Q . -6.57 18.18 -7.16
O4 SO4 Q . -5.96 19.94 -5.67
S SO4 R . -1.37 -15.08 -5.66
O1 SO4 R . -0.83 -16.18 -6.44
O2 SO4 R . -0.32 -14.09 -5.39
O3 SO4 R . -2.46 -14.44 -6.39
O4 SO4 R . -1.88 -15.59 -4.39
S SO4 S . 22.43 10.13 -8.17
O1 SO4 S . 22.81 10.09 -6.77
O2 SO4 S . 23.64 10.25 -8.99
O3 SO4 S . 21.56 11.28 -8.42
O4 SO4 S . 21.73 8.90 -8.53
C1 MPD T . 9.90 16.92 8.49
C2 MPD T . 10.70 17.53 9.64
O2 MPD T . 10.93 18.93 9.31
CM MPD T . 9.94 17.50 10.97
C3 MPD T . 12.03 16.79 9.76
C4 MPD T . 12.95 17.08 8.58
O4 MPD T . 13.74 18.21 8.91
C5 MPD T . 13.86 15.90 8.25
H11 MPD T . 10.48 16.11 8.04
H12 MPD T . 9.71 17.69 7.74
H13 MPD T . 8.96 16.55 8.87
HO2 MPD T . 11.90 19.09 9.24
HM1 MPD T . 10.51 16.95 11.70
HM2 MPD T . 9.78 18.52 11.32
HM3 MPD T . 8.97 17.02 10.81
H31 MPD T . 11.83 15.71 9.81
H32 MPD T . 12.51 17.07 10.69
H4 MPD T . 12.35 17.31 7.71
HO4 MPD T . 13.70 18.86 8.17
H51 MPD T . 14.91 16.21 8.34
H52 MPD T . 13.66 15.57 7.23
H53 MPD T . 13.67 15.08 8.94
C1 PEG U . -12.50 23.77 -8.64
O1 PEG U . -13.57 23.18 -9.38
C2 PEG U . -13.05 24.46 -7.37
O2 PEG U . -13.01 23.56 -6.26
C3 PEG U . -11.88 23.72 -5.36
C4 PEG U . -12.37 24.19 -4.00
O4 PEG U . -12.83 25.52 -4.06
H11 PEG U . -11.88 23.09 -8.39
H12 PEG U . -12.05 24.42 -9.20
HO1 PEG U . -13.23 22.77 -10.11
H21 PEG U . -12.52 25.24 -7.18
H22 PEG U . -14.01 24.76 -7.54
H31 PEG U . -11.45 22.90 -5.26
H32 PEG U . -11.26 24.39 -5.73
H41 PEG U . -13.13 23.60 -3.69
H42 PEG U . -11.63 24.13 -3.34
HO4 PEG U . -13.11 25.78 -3.29
C1 PEG V . -6.03 35.05 -10.62
O1 PEG V . -6.59 35.44 -11.87
C2 PEG V . -6.09 33.51 -10.48
O2 PEG V . -5.13 32.93 -11.40
C3 PEG V . -4.91 31.52 -11.19
C4 PEG V . -3.44 31.21 -11.43
O4 PEG V . -3.27 29.82 -11.50
H11 PEG V . -6.52 35.45 -9.89
H12 PEG V . -5.10 35.34 -10.58
HO1 PEG V . -7.39 35.03 -11.97
H21 PEG V . -6.97 33.20 -10.70
H22 PEG V . -5.85 33.24 -9.54
H31 PEG V . -5.15 31.29 -10.33
H32 PEG V . -5.46 31.01 -11.83
H41 PEG V . -3.14 31.63 -12.29
H42 PEG V . -2.90 31.58 -10.68
HO4 PEG V . -4.04 29.43 -11.45
C1 EDO W . 4.38 -14.74 -5.87
O1 EDO W . 5.42 -15.59 -5.38
C2 EDO W . 3.05 -15.10 -5.21
O2 EDO W . 2.16 -13.98 -5.28
H11 EDO W . 4.62 -13.70 -5.66
H12 EDO W . 4.29 -14.86 -6.95
HO1 EDO W . 6.25 -15.36 -5.80
H21 EDO W . 2.60 -15.96 -5.73
H22 EDO W . 3.21 -15.37 -4.17
HO2 EDO W . 1.31 -14.22 -4.86
C1 EDO X . 18.77 -22.81 3.33
O1 EDO X . 19.31 -21.76 2.50
C2 EDO X . 17.75 -23.61 2.54
O2 EDO X . 17.05 -24.51 3.41
H11 EDO X . 19.57 -23.47 3.67
H12 EDO X . 18.30 -22.38 4.21
HO1 EDO X . 19.96 -21.26 3.01
H21 EDO X . 17.02 -22.93 2.07
H22 EDO X . 18.24 -24.17 1.75
HO2 EDO X . 16.40 -25.01 2.90
C1 EDO Y . -0.01 18.16 -7.50
O1 EDO Y . 1.31 17.92 -6.98
C2 EDO Y . 0.08 18.59 -8.95
O2 EDO Y . 0.45 19.97 -9.03
H11 EDO Y . -0.60 17.24 -7.42
H12 EDO Y . -0.51 18.92 -6.90
HO1 EDO Y . 1.25 17.63 -6.06
H21 EDO Y . 0.81 17.99 -9.48
H22 EDO Y . -0.89 18.45 -9.43
HO2 EDO Y . 0.50 20.24 -9.96
#